data_1AOH
#
_entry.id   1AOH
#
_cell.length_a   37.840
_cell.length_b   80.500
_cell.length_c   93.240
_cell.angle_alpha   90.00
_cell.angle_beta   90.00
_cell.angle_gamma   90.00
#
_symmetry.space_group_name_H-M   'P 21 21 21'
#
loop_
_entity.id
_entity.type
_entity.pdbx_description
1 polymer 'Cellulosomal-scaffolding protein A'
2 water water
#
_entity_poly.entity_id   1
_entity_poly.type   'polypeptide(L)'
_entity_poly.pdbx_seq_one_letter_code
;TDLDAVRIKVDTVNAKPGDTVRIPVRFSGIPSKGIANCDFVYSYDPNVLEIIEIEPGELIVDPNPTKSFDTAVYPDRKMI
VFLFAEDSGTGAYAITEDGVFATIVAKVKSGAPNGLSVIKFVEVGGFANNDLVEQKTQFFDGGVNVG
;
_entity_poly.pdbx_strand_id   A,B
#
# COMPACT_ATOMS: atom_id res chain seq x y z
N ALA A 5 -20.48 -14.10 -0.27
CA ALA A 5 -19.09 -13.61 0.02
C ALA A 5 -18.14 -13.91 -1.12
N VAL A 6 -17.22 -12.98 -1.33
CA VAL A 6 -16.21 -13.16 -2.34
C VAL A 6 -15.10 -13.99 -1.68
N ARG A 7 -14.60 -15.00 -2.37
CA ARG A 7 -13.54 -15.82 -1.82
C ARG A 7 -12.24 -15.49 -2.52
N ILE A 8 -11.20 -15.20 -1.74
CA ILE A 8 -9.89 -14.87 -2.29
C ILE A 8 -8.92 -15.99 -1.88
N LYS A 9 -8.23 -16.57 -2.85
CA LYS A 9 -7.32 -17.66 -2.53
C LYS A 9 -6.01 -17.56 -3.27
N VAL A 10 -4.92 -17.68 -2.53
CA VAL A 10 -3.59 -17.66 -3.12
C VAL A 10 -3.32 -19.13 -3.40
N ASP A 11 -2.88 -19.47 -4.59
CA ASP A 11 -2.59 -20.87 -4.89
C ASP A 11 -1.39 -21.37 -4.07
N THR A 12 -1.29 -22.68 -4.00
CA THR A 12 -0.13 -23.30 -3.40
C THR A 12 0.47 -24.00 -4.63
N VAL A 13 1.71 -23.69 -4.93
CA VAL A 13 2.38 -24.24 -6.09
C VAL A 13 3.66 -24.95 -5.68
N ASN A 14 4.08 -25.94 -6.47
CA ASN A 14 5.30 -26.69 -6.16
C ASN A 14 6.46 -26.10 -6.91
N ALA A 15 7.63 -26.08 -6.28
CA ALA A 15 8.82 -25.54 -6.92
C ALA A 15 10.03 -26.14 -6.26
N LYS A 16 11.17 -25.94 -6.89
CA LYS A 16 12.43 -26.41 -6.39
C LYS A 16 13.26 -25.18 -6.16
N PRO A 17 14.21 -25.23 -5.20
CA PRO A 17 15.04 -24.04 -4.97
C PRO A 17 15.66 -23.60 -6.32
N GLY A 18 15.66 -22.29 -6.56
CA GLY A 18 16.20 -21.77 -7.81
C GLY A 18 15.10 -21.47 -8.83
N ASP A 19 13.95 -22.12 -8.71
CA ASP A 19 12.87 -21.88 -9.66
C ASP A 19 12.23 -20.51 -9.47
N THR A 20 11.75 -19.95 -10.58
CA THR A 20 10.99 -18.70 -10.57
C THR A 20 9.57 -19.21 -10.80
N VAL A 21 8.73 -19.05 -9.79
CA VAL A 21 7.38 -19.54 -9.81
C VAL A 21 6.30 -18.48 -9.90
N ARG A 22 5.17 -18.88 -10.46
CA ARG A 22 4.02 -18.02 -10.60
C ARG A 22 2.93 -18.51 -9.68
N ILE A 23 2.44 -17.62 -8.84
CA ILE A 23 1.42 -17.98 -7.87
C ILE A 23 0.16 -17.14 -8.05
N PRO A 24 -0.85 -17.73 -8.71
CA PRO A 24 -2.10 -17.02 -8.91
C PRO A 24 -2.81 -16.67 -7.62
N VAL A 25 -3.49 -15.54 -7.64
CA VAL A 25 -4.34 -15.05 -6.54
C VAL A 25 -5.70 -14.99 -7.27
N ARG A 26 -6.61 -15.83 -6.83
CA ARG A 26 -7.91 -15.95 -7.45
C ARG A 26 -9.07 -15.45 -6.61
N PHE A 27 -10.07 -14.92 -7.32
CA PHE A 27 -11.30 -14.43 -6.75
C PHE A 27 -12.42 -15.33 -7.29
N SER A 28 -13.39 -15.65 -6.43
CA SER A 28 -14.54 -16.43 -6.82
C SER A 28 -15.70 -15.83 -6.03
N GLY A 29 -16.90 -15.94 -6.58
CA GLY A 29 -18.07 -15.36 -5.96
C GLY A 29 -18.18 -13.88 -6.22
N ILE A 30 -17.60 -13.39 -7.32
CA ILE A 30 -17.64 -11.95 -7.63
C ILE A 30 -19.10 -11.59 -7.89
N PRO A 31 -19.63 -10.56 -7.19
CA PRO A 31 -21.05 -10.17 -7.36
C PRO A 31 -21.45 -9.55 -8.73
N SER A 32 -22.75 -9.52 -9.01
CA SER A 32 -23.28 -8.98 -10.26
C SER A 32 -22.86 -7.53 -10.48
N LYS A 33 -22.81 -6.80 -9.38
CA LYS A 33 -22.44 -5.40 -9.31
C LYS A 33 -20.95 -5.22 -9.33
N GLY A 34 -20.20 -6.31 -9.54
CA GLY A 34 -18.75 -6.24 -9.60
C GLY A 34 -18.02 -5.83 -8.34
N ILE A 35 -16.72 -5.59 -8.49
CA ILE A 35 -15.82 -5.11 -7.41
C ILE A 35 -15.08 -3.86 -8.00
N ALA A 36 -15.44 -2.68 -7.48
CA ALA A 36 -14.86 -1.40 -7.91
C ALA A 36 -13.51 -1.14 -7.28
N ASN A 37 -13.31 -1.66 -6.07
CA ASN A 37 -12.03 -1.46 -5.39
C ASN A 37 -11.83 -2.50 -4.30
N CYS A 38 -10.57 -2.81 -4.01
CA CYS A 38 -10.24 -3.74 -2.94
C CYS A 38 -8.75 -3.60 -2.60
N ASP A 39 -8.41 -3.77 -1.32
CA ASP A 39 -7.01 -3.72 -0.95
C ASP A 39 -6.88 -4.67 0.21
N PHE A 40 -5.77 -5.35 0.26
CA PHE A 40 -5.53 -6.32 1.31
C PHE A 40 -4.05 -6.67 1.38
N VAL A 41 -3.64 -7.32 2.47
CA VAL A 41 -2.25 -7.66 2.71
C VAL A 41 -2.07 -9.14 3.01
N TYR A 42 -0.97 -9.71 2.52
CA TYR A 42 -0.63 -11.11 2.81
C TYR A 42 0.78 -11.03 3.31
N SER A 43 1.19 -11.99 4.15
CA SER A 43 2.57 -12.04 4.63
C SER A 43 3.28 -13.18 3.89
N TYR A 44 4.60 -13.15 3.86
CA TYR A 44 5.37 -14.19 3.16
C TYR A 44 6.72 -14.28 3.86
N ASP A 45 7.53 -15.23 3.44
CA ASP A 45 8.84 -15.39 4.03
C ASP A 45 9.90 -14.98 3.03
N PRO A 46 10.44 -13.75 3.17
CA PRO A 46 11.46 -13.23 2.25
C PRO A 46 12.81 -13.96 2.29
N ASN A 47 13.01 -14.77 3.31
CA ASN A 47 14.25 -15.55 3.40
C ASN A 47 14.13 -16.78 2.50
N VAL A 48 12.93 -17.10 2.04
CA VAL A 48 12.70 -18.26 1.16
C VAL A 48 12.23 -17.83 -0.25
N LEU A 49 11.35 -16.84 -0.32
CA LEU A 49 10.82 -16.36 -1.61
C LEU A 49 11.19 -14.89 -1.87
N GLU A 50 11.78 -14.58 -3.01
CA GLU A 50 12.10 -13.21 -3.36
C GLU A 50 11.02 -12.79 -4.35
N ILE A 51 10.18 -11.86 -3.96
CA ILE A 51 9.11 -11.42 -4.84
C ILE A 51 9.72 -10.59 -5.96
N ILE A 52 9.58 -11.10 -7.19
CA ILE A 52 10.14 -10.48 -8.40
C ILE A 52 9.21 -9.43 -9.01
N GLU A 53 7.92 -9.80 -9.10
CA GLU A 53 6.90 -8.93 -9.68
C GLU A 53 5.53 -9.48 -9.32
N ILE A 54 4.52 -8.63 -9.35
CA ILE A 54 3.16 -9.11 -9.14
C ILE A 54 2.41 -8.53 -10.33
N GLU A 55 1.98 -9.44 -11.18
CA GLU A 55 1.26 -9.06 -12.40
C GLU A 55 -0.24 -8.93 -12.26
N PRO A 56 -0.83 -7.91 -12.96
CA PRO A 56 -2.29 -7.73 -12.92
C PRO A 56 -2.85 -9.01 -13.57
N GLY A 57 -3.92 -9.55 -13.00
CA GLY A 57 -4.49 -10.77 -13.58
C GLY A 57 -5.49 -10.45 -14.67
N GLU A 58 -6.04 -11.50 -15.26
CA GLU A 58 -7.04 -11.42 -16.33
C GLU A 58 -8.28 -10.65 -15.91
N LEU A 59 -8.55 -10.60 -14.60
CA LEU A 59 -9.72 -9.88 -14.07
C LEU A 59 -9.63 -8.36 -14.16
N ILE A 60 -8.40 -7.85 -14.36
CA ILE A 60 -8.13 -6.40 -14.47
C ILE A 60 -8.47 -6.02 -15.93
N VAL A 61 -9.64 -5.42 -16.12
CA VAL A 61 -10.11 -5.06 -17.45
C VAL A 61 -9.65 -3.72 -18.03
N ASP A 62 -9.05 -2.91 -17.19
CA ASP A 62 -8.55 -1.60 -17.59
C ASP A 62 -7.55 -1.76 -18.75
N PRO A 63 -7.73 -1.00 -19.86
CA PRO A 63 -6.82 -1.07 -21.02
C PRO A 63 -5.33 -0.83 -20.61
N ASN A 64 -5.13 -0.09 -19.52
CA ASN A 64 -3.83 0.24 -18.92
C ASN A 64 -3.96 -0.38 -17.52
N PRO A 65 -3.71 -1.70 -17.40
CA PRO A 65 -3.85 -2.41 -16.12
C PRO A 65 -3.23 -1.73 -14.91
N THR A 66 -2.05 -1.15 -15.08
CA THR A 66 -1.37 -0.52 -13.97
C THR A 66 -2.06 0.72 -13.43
N LYS A 67 -3.04 1.22 -14.17
CA LYS A 67 -3.79 2.37 -13.70
C LYS A 67 -4.85 1.96 -12.69
N SER A 68 -5.25 0.70 -12.74
CA SER A 68 -6.28 0.21 -11.83
C SER A 68 -5.70 -0.71 -10.74
N PHE A 69 -4.53 -1.26 -11.02
CA PHE A 69 -3.89 -2.25 -10.15
C PHE A 69 -2.45 -1.94 -9.77
N ASP A 70 -2.13 -2.14 -8.49
CA ASP A 70 -0.80 -1.90 -8.01
C ASP A 70 -0.57 -2.81 -6.80
N THR A 71 0.70 -3.03 -6.48
CA THR A 71 1.08 -3.81 -5.30
C THR A 71 2.32 -3.16 -4.71
N ALA A 72 2.55 -3.35 -3.42
CA ALA A 72 3.74 -2.83 -2.74
C ALA A 72 4.24 -3.98 -1.90
N VAL A 73 5.51 -4.34 -2.07
CA VAL A 73 6.12 -5.44 -1.29
C VAL A 73 7.11 -4.84 -0.30
N TYR A 74 6.99 -5.23 0.97
CA TYR A 74 7.86 -4.74 2.03
C TYR A 74 8.56 -5.95 2.67
N PRO A 75 9.74 -6.32 2.16
CA PRO A 75 10.48 -7.47 2.70
C PRO A 75 10.81 -7.42 4.19
N ASP A 76 11.14 -6.25 4.69
CA ASP A 76 11.52 -6.08 6.11
C ASP A 76 10.34 -6.45 6.99
N ARG A 77 9.13 -5.96 6.65
CA ARG A 77 7.93 -6.29 7.42
C ARG A 77 7.26 -7.59 6.92
N LYS A 78 7.82 -8.18 5.87
CA LYS A 78 7.37 -9.42 5.28
C LYS A 78 5.95 -9.36 4.77
N MET A 79 5.61 -8.28 4.08
CA MET A 79 4.24 -8.17 3.61
C MET A 79 4.10 -7.73 2.17
N ILE A 80 2.97 -8.15 1.60
CA ILE A 80 2.58 -7.85 0.24
C ILE A 80 1.26 -7.14 0.32
N VAL A 81 1.22 -5.92 -0.21
CA VAL A 81 -0.01 -5.14 -0.18
C VAL A 81 -0.61 -5.13 -1.58
N PHE A 82 -1.86 -5.54 -1.71
CA PHE A 82 -2.57 -5.53 -3.01
C PHE A 82 -3.56 -4.35 -3.04
N LEU A 83 -3.46 -3.56 -4.12
CA LEU A 83 -4.30 -2.39 -4.28
C LEU A 83 -5.00 -2.33 -5.61
N PHE A 84 -6.32 -2.39 -5.60
CA PHE A 84 -7.09 -2.28 -6.82
C PHE A 84 -8.11 -1.17 -6.66
N ALA A 85 -8.20 -0.28 -7.64
CA ALA A 85 -9.18 0.79 -7.58
C ALA A 85 -9.44 1.10 -9.05
N GLU A 86 -10.57 0.65 -9.56
CA GLU A 86 -10.87 0.83 -10.99
C GLU A 86 -10.68 2.31 -11.38
N ASP A 87 -9.83 2.49 -12.39
CA ASP A 87 -9.40 3.82 -12.86
C ASP A 87 -10.41 4.73 -13.54
N SER A 88 -11.50 4.19 -14.05
CA SER A 88 -12.46 5.03 -14.79
C SER A 88 -13.20 6.04 -13.93
N GLY A 89 -13.44 5.68 -12.67
CA GLY A 89 -14.17 6.54 -11.77
C GLY A 89 -15.67 6.44 -11.98
N THR A 90 -16.12 5.59 -12.90
CA THR A 90 -17.57 5.46 -13.14
C THR A 90 -18.02 4.02 -12.80
N GLY A 91 -17.04 3.16 -12.55
CA GLY A 91 -17.30 1.76 -12.27
C GLY A 91 -16.98 0.94 -13.50
N ALA A 92 -16.63 1.60 -14.61
CA ALA A 92 -16.36 0.88 -15.87
C ALA A 92 -15.31 -0.24 -15.85
N TYR A 93 -14.24 -0.07 -15.06
CA TYR A 93 -13.17 -1.08 -15.01
C TYR A 93 -13.27 -2.00 -13.79
N ALA A 94 -14.48 -2.09 -13.23
CA ALA A 94 -14.71 -2.95 -12.08
C ALA A 94 -14.50 -4.39 -12.53
N ILE A 95 -14.06 -5.23 -11.60
CA ILE A 95 -13.87 -6.67 -11.86
C ILE A 95 -15.34 -7.19 -11.93
N THR A 96 -15.62 -8.02 -12.93
CA THR A 96 -16.97 -8.51 -13.17
C THR A 96 -17.12 -10.00 -13.19
N GLU A 97 -16.07 -10.73 -12.89
CA GLU A 97 -16.15 -12.18 -12.92
C GLU A 97 -15.08 -12.86 -12.08
N ASP A 98 -15.24 -14.18 -11.89
CA ASP A 98 -14.28 -14.96 -11.12
C ASP A 98 -13.04 -15.28 -11.97
N GLY A 99 -11.88 -15.38 -11.35
CA GLY A 99 -10.71 -15.71 -12.14
C GLY A 99 -9.49 -15.25 -11.40
N VAL A 100 -8.40 -15.06 -12.13
CA VAL A 100 -7.12 -14.63 -11.57
C VAL A 100 -7.03 -13.11 -11.45
N PHE A 101 -6.96 -12.66 -10.21
CA PHE A 101 -6.83 -11.26 -9.87
C PHE A 101 -5.38 -10.76 -10.10
N ALA A 102 -4.39 -11.57 -9.72
CA ALA A 102 -2.99 -11.19 -9.85
C ALA A 102 -2.15 -12.43 -9.88
N THR A 103 -0.91 -12.30 -10.30
CA THR A 103 0.01 -13.43 -10.31
C THR A 103 1.29 -12.99 -9.64
N ILE A 104 1.63 -13.63 -8.53
CA ILE A 104 2.86 -13.30 -7.84
C ILE A 104 3.96 -14.07 -8.56
N VAL A 105 5.04 -13.40 -8.93
CA VAL A 105 6.18 -14.04 -9.57
C VAL A 105 7.26 -13.99 -8.50
N ALA A 106 7.65 -15.16 -8.01
CA ALA A 106 8.64 -15.19 -6.95
C ALA A 106 9.71 -16.20 -7.26
N LYS A 107 10.94 -15.89 -6.85
CA LYS A 107 12.06 -16.81 -7.04
C LYS A 107 12.30 -17.55 -5.70
N VAL A 108 12.34 -18.88 -5.76
CA VAL A 108 12.63 -19.67 -4.55
C VAL A 108 14.13 -19.61 -4.33
N LYS A 109 14.56 -19.02 -3.23
CA LYS A 109 15.99 -18.91 -2.95
C LYS A 109 16.72 -20.26 -3.03
N SER A 110 17.91 -20.25 -3.63
CA SER A 110 18.68 -21.48 -3.81
C SER A 110 18.88 -22.38 -2.59
N GLY A 111 18.93 -21.81 -1.40
CA GLY A 111 19.09 -22.63 -0.21
C GLY A 111 17.81 -22.87 0.61
N ALA A 112 16.65 -22.64 0.00
CA ALA A 112 15.38 -22.81 0.71
C ALA A 112 15.14 -24.28 1.08
N PRO A 113 14.59 -24.51 2.29
CA PRO A 113 14.31 -25.87 2.78
C PRO A 113 13.11 -26.45 2.05
N ASN A 114 13.03 -27.77 2.01
CA ASN A 114 11.88 -28.38 1.38
C ASN A 114 10.70 -28.17 2.34
N GLY A 115 9.48 -28.21 1.82
CA GLY A 115 8.32 -27.97 2.63
C GLY A 115 7.59 -26.68 2.20
N LEU A 116 6.46 -26.42 2.85
CA LEU A 116 5.66 -25.26 2.51
C LEU A 116 6.18 -23.90 3.04
N SER A 117 6.25 -22.93 2.14
CA SER A 117 6.62 -21.55 2.52
C SER A 117 5.26 -20.89 2.38
N VAL A 118 4.70 -20.45 3.50
CA VAL A 118 3.36 -19.90 3.53
C VAL A 118 3.20 -18.45 3.13
N ILE A 119 2.14 -18.20 2.36
CA ILE A 119 1.74 -16.84 1.95
C ILE A 119 0.39 -16.76 2.68
N LYS A 120 0.40 -16.03 3.78
CA LYS A 120 -0.71 -15.94 4.71
C LYS A 120 -1.47 -14.63 4.69
N PHE A 121 -2.80 -14.74 4.74
CA PHE A 121 -3.68 -13.56 4.76
C PHE A 121 -3.41 -12.78 6.03
N VAL A 122 -3.24 -11.46 5.90
CA VAL A 122 -3.00 -10.63 7.07
C VAL A 122 -4.18 -9.70 7.37
N GLU A 123 -4.63 -8.93 6.39
CA GLU A 123 -5.71 -7.98 6.64
C GLU A 123 -6.38 -7.48 5.35
N VAL A 124 -7.68 -7.15 5.43
CA VAL A 124 -8.37 -6.58 4.28
C VAL A 124 -8.77 -5.15 4.68
N GLY A 125 -8.66 -4.24 3.72
CA GLY A 125 -9.10 -2.88 3.95
C GLY A 125 -10.47 -2.83 3.30
N GLY A 126 -10.56 -2.22 2.13
CA GLY A 126 -11.84 -2.17 1.46
C GLY A 126 -12.01 -3.30 0.44
N PHE A 127 -13.26 -3.58 0.11
CA PHE A 127 -13.57 -4.61 -0.86
C PHE A 127 -15.00 -4.31 -1.22
N ALA A 128 -15.20 -3.40 -2.17
CA ALA A 128 -16.54 -2.93 -2.51
C ALA A 128 -17.03 -3.12 -3.93
N ASN A 129 -18.35 -3.17 -4.09
CA ASN A 129 -18.98 -3.33 -5.41
C ASN A 129 -19.12 -1.97 -6.10
N ASN A 130 -19.76 -1.95 -7.28
CA ASN A 130 -19.92 -0.67 -7.99
C ASN A 130 -20.83 0.34 -7.29
N ASP A 131 -21.59 -0.12 -6.30
CA ASP A 131 -22.42 0.78 -5.48
C ASP A 131 -21.57 1.27 -4.31
N LEU A 132 -20.29 0.86 -4.32
CA LEU A 132 -19.29 1.16 -3.28
C LEU A 132 -19.72 0.61 -1.92
N VAL A 133 -20.49 -0.48 -1.95
CA VAL A 133 -20.97 -1.18 -0.74
C VAL A 133 -19.94 -2.27 -0.43
N GLU A 134 -19.48 -2.32 0.82
CA GLU A 134 -18.50 -3.31 1.22
C GLU A 134 -19.10 -4.69 1.07
N GLN A 135 -18.33 -5.60 0.50
CA GLN A 135 -18.75 -6.98 0.30
C GLN A 135 -18.13 -7.91 1.38
N LYS A 136 -18.81 -8.99 1.71
CA LYS A 136 -18.25 -9.94 2.69
C LYS A 136 -17.17 -10.69 1.92
N THR A 137 -16.06 -10.99 2.59
CA THR A 137 -14.95 -11.70 1.97
C THR A 137 -14.51 -12.87 2.86
N GLN A 138 -13.79 -13.80 2.26
CA GLN A 138 -13.24 -14.92 2.98
C GLN A 138 -11.92 -15.14 2.24
N PHE A 139 -10.81 -14.94 2.97
CA PHE A 139 -9.48 -15.07 2.43
C PHE A 139 -8.81 -16.37 2.84
N PHE A 140 -8.10 -16.97 1.89
CA PHE A 140 -7.40 -18.24 2.08
C PHE A 140 -5.90 -18.13 1.79
N ASP A 141 -5.12 -18.93 2.51
CA ASP A 141 -3.68 -18.91 2.35
C ASP A 141 -3.18 -19.82 1.24
N GLY A 142 -1.96 -19.55 0.79
CA GLY A 142 -1.35 -20.36 -0.24
C GLY A 142 0.14 -20.37 0.01
N GLY A 143 0.92 -20.43 -1.06
CA GLY A 143 2.35 -20.45 -0.91
C GLY A 143 3.07 -21.35 -1.92
N VAL A 144 4.28 -21.73 -1.58
CA VAL A 144 5.06 -22.59 -2.47
C VAL A 144 5.55 -23.82 -1.69
N ASN A 145 5.27 -25.00 -2.20
CA ASN A 145 5.73 -26.22 -1.55
C ASN A 145 7.08 -26.57 -2.19
N VAL A 146 8.15 -26.21 -1.52
CA VAL A 146 9.48 -26.45 -2.03
C VAL A 146 9.84 -27.92 -2.01
N GLY A 147 10.27 -28.42 -3.15
CA GLY A 147 10.65 -29.81 -3.26
C GLY A 147 11.99 -29.92 -3.98
N THR B 1 20.83 15.02 10.39
CA THR B 1 20.06 15.34 9.14
C THR B 1 21.02 15.38 7.98
N ASP B 2 20.73 14.58 6.98
CA ASP B 2 21.59 14.50 5.82
C ASP B 2 21.06 15.43 4.72
N LEU B 3 21.77 16.53 4.49
CA LEU B 3 21.34 17.48 3.45
C LEU B 3 21.26 16.93 2.03
N ASP B 4 21.84 15.75 1.80
CA ASP B 4 21.79 15.14 0.49
C ASP B 4 20.67 14.10 0.41
N ALA B 5 19.88 14.00 1.48
CA ALA B 5 18.80 13.06 1.53
C ALA B 5 17.50 13.83 1.51
N VAL B 6 16.44 13.15 1.09
CA VAL B 6 15.12 13.74 1.16
C VAL B 6 14.69 13.38 2.61
N ARG B 7 14.29 14.36 3.42
CA ARG B 7 13.86 14.02 4.77
C ARG B 7 12.35 14.04 4.78
N ILE B 8 11.76 12.98 5.29
CA ILE B 8 10.33 12.85 5.35
C ILE B 8 9.99 12.87 6.83
N LYS B 9 9.08 13.76 7.23
CA LYS B 9 8.73 13.85 8.63
C LYS B 9 7.25 14.12 8.87
N VAL B 10 6.67 13.35 9.78
CA VAL B 10 5.28 13.47 10.16
C VAL B 10 5.27 14.51 11.26
N ASP B 11 4.32 15.44 11.24
CA ASP B 11 4.29 16.46 12.30
C ASP B 11 3.99 15.84 13.66
N THR B 12 4.32 16.58 14.70
CA THR B 12 3.93 16.19 16.04
C THR B 12 3.00 17.36 16.43
N VAL B 13 1.71 17.09 16.53
CA VAL B 13 0.72 18.12 16.84
C VAL B 13 0.16 17.87 18.23
N ASN B 14 -0.34 18.89 18.88
CA ASN B 14 -0.88 18.72 20.23
C ASN B 14 -2.38 18.67 20.12
N ALA B 15 -3.04 17.93 21.01
CA ALA B 15 -4.49 17.85 20.92
C ALA B 15 -5.06 17.29 22.19
N LYS B 16 -6.36 17.43 22.35
CA LYS B 16 -7.07 16.92 23.50
C LYS B 16 -7.92 15.71 23.05
N PRO B 17 -8.32 14.82 23.98
CA PRO B 17 -9.13 13.66 23.62
C PRO B 17 -10.46 14.12 23.01
N GLY B 18 -10.79 13.58 21.83
CA GLY B 18 -12.01 13.97 21.17
C GLY B 18 -11.81 14.95 20.03
N ASP B 19 -10.60 15.45 19.86
CA ASP B 19 -10.37 16.38 18.77
C ASP B 19 -10.05 15.65 17.48
N THR B 20 -10.45 16.27 16.36
CA THR B 20 -10.15 15.74 15.03
C THR B 20 -8.96 16.59 14.61
N VAL B 21 -7.80 15.96 14.49
CA VAL B 21 -6.59 16.68 14.17
C VAL B 21 -6.00 16.34 12.79
N ARG B 22 -5.30 17.31 12.22
CA ARG B 22 -4.64 17.15 10.94
C ARG B 22 -3.15 17.04 11.20
N ILE B 23 -2.57 15.97 10.67
CA ILE B 23 -1.16 15.68 10.87
C ILE B 23 -0.46 15.59 9.52
N PRO B 24 0.16 16.69 9.12
CA PRO B 24 0.87 16.70 7.85
C PRO B 24 2.08 15.76 7.84
N VAL B 25 2.41 15.26 6.64
CA VAL B 25 3.59 14.43 6.38
C VAL B 25 4.35 15.33 5.39
N ARG B 26 5.50 15.84 5.80
CA ARG B 26 6.28 16.78 4.97
C ARG B 26 7.56 16.23 4.36
N PHE B 27 7.90 16.77 3.19
CA PHE B 27 9.10 16.40 2.47
C PHE B 27 10.04 17.64 2.46
N SER B 28 11.32 17.42 2.70
CA SER B 28 12.36 18.45 2.66
C SER B 28 13.52 17.87 1.82
N GLY B 29 14.24 18.74 1.11
CA GLY B 29 15.34 18.30 0.27
C GLY B 29 14.93 17.60 -1.02
N ILE B 30 13.74 17.92 -1.57
CA ILE B 30 13.24 17.33 -2.81
C ILE B 30 14.13 17.80 -3.96
N PRO B 31 14.69 16.85 -4.73
CA PRO B 31 15.56 17.23 -5.85
C PRO B 31 14.80 17.98 -6.93
N SER B 32 15.40 19.04 -7.46
CA SER B 32 14.75 19.81 -8.53
C SER B 32 14.31 18.88 -9.72
N LYS B 33 15.08 17.81 -9.92
CA LYS B 33 14.79 16.79 -10.94
C LYS B 33 13.37 16.24 -10.72
N GLY B 34 12.92 16.23 -9.46
CA GLY B 34 11.60 15.74 -9.11
C GLY B 34 11.58 14.27 -8.68
N ILE B 35 10.60 13.92 -7.85
CA ILE B 35 10.38 12.55 -7.38
C ILE B 35 9.21 11.98 -8.21
N ALA B 36 9.45 10.93 -8.97
CA ALA B 36 8.43 10.32 -9.81
C ALA B 36 7.58 9.32 -9.02
N ASN B 37 8.13 8.73 -7.98
CA ASN B 37 7.36 7.75 -7.22
C ASN B 37 8.01 7.53 -5.87
N CYS B 38 7.17 7.16 -4.90
CA CYS B 38 7.63 6.85 -3.55
C CYS B 38 6.55 6.06 -2.83
N ASP B 39 6.96 5.14 -1.97
CA ASP B 39 5.98 4.38 -1.20
C ASP B 39 6.63 4.02 0.12
N PHE B 40 5.89 4.19 1.20
CA PHE B 40 6.43 3.89 2.52
C PHE B 40 5.35 3.62 3.52
N VAL B 41 5.75 3.12 4.69
CA VAL B 41 4.81 2.73 5.74
C VAL B 41 5.22 3.31 7.11
N TYR B 42 4.22 3.82 7.83
CA TYR B 42 4.36 4.32 9.20
C TYR B 42 3.36 3.49 10.06
N SER B 43 3.65 3.33 11.35
CA SER B 43 2.72 2.60 12.23
C SER B 43 2.08 3.65 13.12
N TYR B 44 0.97 3.30 13.79
CA TYR B 44 0.30 4.24 14.67
C TYR B 44 -0.46 3.45 15.68
N ASP B 45 -1.09 4.13 16.63
CA ASP B 45 -1.83 3.44 17.65
C ASP B 45 -3.29 3.71 17.39
N PRO B 46 -4.00 2.72 16.80
CA PRO B 46 -5.42 2.86 16.51
C PRO B 46 -6.32 2.82 17.74
N ASN B 47 -5.70 2.59 18.90
CA ASN B 47 -6.42 2.58 20.16
C ASN B 47 -6.46 4.02 20.70
N VAL B 48 -5.65 4.91 20.12
CA VAL B 48 -5.65 6.31 20.52
C VAL B 48 -6.14 7.17 19.34
N LEU B 49 -5.68 6.87 18.13
CA LEU B 49 -6.06 7.63 16.94
C LEU B 49 -6.93 6.89 15.93
N GLU B 50 -8.12 7.41 15.62
CA GLU B 50 -8.95 6.81 14.59
C GLU B 50 -8.65 7.55 13.29
N ILE B 51 -7.99 6.89 12.33
CA ILE B 51 -7.69 7.55 11.05
C ILE B 51 -8.99 7.74 10.29
N ILE B 52 -9.29 9.00 10.00
CA ILE B 52 -10.51 9.37 9.31
C ILE B 52 -10.31 9.42 7.79
N GLU B 53 -9.22 10.07 7.35
CA GLU B 53 -8.92 10.19 5.91
C GLU B 53 -7.47 10.61 5.77
N ILE B 54 -6.85 10.33 4.62
CA ILE B 54 -5.50 10.80 4.40
C ILE B 54 -5.62 11.57 3.10
N GLU B 55 -5.45 12.89 3.20
CA GLU B 55 -5.57 13.80 2.06
C GLU B 55 -4.27 13.97 1.29
N PRO B 56 -4.38 14.07 -0.04
CA PRO B 56 -3.21 14.28 -0.87
C PRO B 56 -2.71 15.68 -0.46
N GLY B 57 -1.40 15.84 -0.36
CA GLY B 57 -0.85 17.12 0.05
C GLY B 57 -0.74 18.08 -1.10
N GLU B 58 -0.36 19.32 -0.80
CA GLU B 58 -0.19 20.36 -1.81
C GLU B 58 0.84 19.92 -2.89
N LEU B 59 1.76 19.02 -2.51
CA LEU B 59 2.78 18.54 -3.45
C LEU B 59 2.23 17.66 -4.58
N ILE B 60 1.01 17.15 -4.40
CA ILE B 60 0.35 16.29 -5.38
C ILE B 60 -0.34 17.21 -6.35
N VAL B 61 0.27 17.32 -7.51
CA VAL B 61 -0.14 18.24 -8.57
C VAL B 61 -1.08 17.71 -9.66
N ASP B 62 -1.24 16.38 -9.74
CA ASP B 62 -2.11 15.74 -10.71
C ASP B 62 -3.54 16.30 -10.59
N PRO B 63 -4.14 16.73 -11.73
CA PRO B 63 -5.50 17.26 -11.64
C PRO B 63 -6.50 16.18 -11.19
N ASN B 64 -6.07 14.92 -11.19
CA ASN B 64 -6.86 13.76 -10.71
C ASN B 64 -5.89 13.22 -9.65
N PRO B 65 -5.82 13.87 -8.47
CA PRO B 65 -4.91 13.45 -7.39
C PRO B 65 -4.90 11.94 -7.09
N THR B 66 -6.05 11.30 -7.12
CA THR B 66 -6.16 9.88 -6.81
C THR B 66 -5.48 8.97 -7.83
N LYS B 67 -5.17 9.49 -9.02
CA LYS B 67 -4.49 8.69 -10.01
C LYS B 67 -3.01 8.67 -9.69
N SER B 68 -2.53 9.65 -8.94
CA SER B 68 -1.10 9.68 -8.61
C SER B 68 -0.81 9.27 -7.14
N PHE B 69 -1.80 9.42 -6.29
CA PHE B 69 -1.64 9.24 -4.86
C PHE B 69 -2.71 8.36 -4.26
N ASP B 70 -2.29 7.47 -3.35
CA ASP B 70 -3.21 6.57 -2.70
C ASP B 70 -2.62 6.20 -1.36
N THR B 71 -3.46 5.82 -0.42
CA THR B 71 -2.98 5.35 0.88
C THR B 71 -3.85 4.18 1.28
N ALA B 72 -3.31 3.31 2.13
CA ALA B 72 -4.08 2.16 2.65
C ALA B 72 -3.86 2.15 4.17
N VAL B 73 -4.94 2.13 4.94
CA VAL B 73 -4.82 2.12 6.40
C VAL B 73 -5.25 0.72 6.88
N TYR B 74 -4.42 0.13 7.72
CA TYR B 74 -4.67 -1.20 8.29
C TYR B 74 -4.61 -1.10 9.83
N PRO B 75 -5.77 -0.84 10.46
CA PRO B 75 -5.80 -0.70 11.92
C PRO B 75 -5.36 -1.94 12.69
N ASP B 76 -5.69 -3.12 12.20
CA ASP B 76 -5.31 -4.34 12.91
C ASP B 76 -3.83 -4.50 12.96
N ARG B 77 -3.20 -4.27 11.82
CA ARG B 77 -1.76 -4.38 11.76
C ARG B 77 -1.13 -3.06 12.22
N LYS B 78 -1.95 -2.05 12.45
CA LYS B 78 -1.50 -0.74 12.94
C LYS B 78 -0.51 -0.06 12.00
N MET B 79 -0.85 -0.06 10.72
CA MET B 79 0.02 0.55 9.73
C MET B 79 -0.73 1.40 8.74
N ILE B 80 0.01 2.34 8.18
CA ILE B 80 -0.51 3.25 7.17
C ILE B 80 0.48 3.17 6.03
N VAL B 81 -0.02 2.88 4.83
CA VAL B 81 0.80 2.76 3.66
C VAL B 81 0.52 3.95 2.74
N PHE B 82 1.57 4.65 2.33
CA PHE B 82 1.53 5.83 1.44
C PHE B 82 2.08 5.38 0.07
N LEU B 83 1.36 5.67 -1.03
CA LEU B 83 1.79 5.25 -2.38
C LEU B 83 1.67 6.42 -3.35
N PHE B 84 2.78 6.81 -3.96
CA PHE B 84 2.78 7.89 -4.93
C PHE B 84 3.49 7.42 -6.20
N ALA B 85 2.90 7.71 -7.34
CA ALA B 85 3.53 7.37 -8.62
C ALA B 85 2.85 8.35 -9.61
N GLU B 86 3.63 9.35 -10.07
CA GLU B 86 3.09 10.40 -10.95
C GLU B 86 2.41 9.79 -12.19
N ASP B 87 1.12 10.08 -12.34
CA ASP B 87 0.26 9.49 -13.37
C ASP B 87 0.53 9.83 -14.83
N SER B 88 1.24 10.90 -15.11
CA SER B 88 1.43 11.27 -16.52
C SER B 88 2.27 10.30 -17.30
N GLY B 89 3.26 9.68 -16.66
CA GLY B 89 4.15 8.77 -17.36
C GLY B 89 5.36 9.50 -17.97
N THR B 90 5.31 10.83 -18.06
CA THR B 90 6.41 11.63 -18.62
C THR B 90 7.17 12.42 -17.57
N GLY B 91 6.79 12.27 -16.30
CA GLY B 91 7.43 13.03 -15.24
C GLY B 91 6.71 14.36 -14.94
N ALA B 92 5.68 14.66 -15.72
CA ALA B 92 4.88 15.88 -15.61
C ALA B 92 4.34 16.13 -14.20
N TYR B 93 3.91 15.07 -13.51
CA TYR B 93 3.37 15.28 -12.18
C TYR B 93 4.30 14.90 -11.06
N ALA B 94 5.59 14.84 -11.34
CA ALA B 94 6.54 14.53 -10.28
C ALA B 94 6.45 15.58 -9.16
N ILE B 95 6.91 15.23 -7.97
CA ILE B 95 6.94 16.16 -6.84
C ILE B 95 8.24 16.95 -7.05
N THR B 96 8.16 18.28 -7.08
CA THR B 96 9.35 19.05 -7.40
C THR B 96 9.75 20.11 -6.39
N GLU B 97 9.05 20.16 -5.26
CA GLU B 97 9.39 21.13 -4.24
C GLU B 97 9.15 20.58 -2.86
N ASP B 98 9.66 21.32 -1.87
CA ASP B 98 9.52 20.95 -0.47
C ASP B 98 8.16 21.39 0.02
N GLY B 99 7.53 20.57 0.86
CA GLY B 99 6.22 20.90 1.35
C GLY B 99 5.43 19.71 1.85
N VAL B 100 4.12 19.86 1.89
CA VAL B 100 3.22 18.83 2.40
C VAL B 100 2.89 17.75 1.38
N PHE B 101 3.36 16.54 1.66
CA PHE B 101 3.11 15.35 0.82
C PHE B 101 1.68 14.84 1.05
N ALA B 102 1.24 14.82 2.30
CA ALA B 102 -0.10 14.34 2.61
C ALA B 102 -0.47 14.86 3.97
N THR B 103 -1.76 14.75 4.28
CA THR B 103 -2.28 15.15 5.58
C THR B 103 -3.15 14.05 6.21
N ILE B 104 -2.69 13.48 7.31
CA ILE B 104 -3.50 12.48 8.00
C ILE B 104 -4.57 13.23 8.84
N VAL B 105 -5.84 12.86 8.71
CA VAL B 105 -6.89 13.49 9.50
C VAL B 105 -7.32 12.37 10.44
N ALA B 106 -7.22 12.63 11.73
CA ALA B 106 -7.52 11.63 12.75
C ALA B 106 -8.29 12.16 13.95
N LYS B 107 -9.09 11.29 14.55
CA LYS B 107 -9.81 11.66 15.75
C LYS B 107 -9.13 11.01 16.98
N VAL B 108 -8.80 11.82 17.98
CA VAL B 108 -8.22 11.32 19.22
C VAL B 108 -9.42 10.74 19.99
N LYS B 109 -9.42 9.43 20.19
CA LYS B 109 -10.52 8.77 20.90
C LYS B 109 -10.80 9.43 22.25
N SER B 110 -12.07 9.61 22.55
CA SER B 110 -12.50 10.25 23.80
C SER B 110 -11.79 9.72 25.06
N GLY B 111 -11.52 8.42 25.10
CA GLY B 111 -10.86 7.86 26.27
C GLY B 111 -9.35 7.78 26.17
N ALA B 112 -8.76 8.52 25.24
CA ALA B 112 -7.31 8.48 25.05
C ALA B 112 -6.50 9.00 26.23
N PRO B 113 -5.41 8.29 26.57
CA PRO B 113 -4.55 8.71 27.68
C PRO B 113 -3.67 9.90 27.25
N ASN B 114 -3.17 10.68 28.20
CA ASN B 114 -2.34 11.83 27.91
C ASN B 114 -0.96 11.34 27.42
N GLY B 115 -0.20 12.21 26.75
CA GLY B 115 1.11 11.80 26.25
C GLY B 115 1.17 11.64 24.74
N LEU B 116 2.38 11.40 24.24
CA LEU B 116 2.61 11.25 22.81
C LEU B 116 2.22 9.91 22.21
N SER B 117 1.30 9.94 21.25
CA SER B 117 0.85 8.75 20.52
C SER B 117 1.72 8.89 19.28
N VAL B 118 2.69 8.01 19.14
CA VAL B 118 3.66 8.02 18.07
C VAL B 118 3.22 7.46 16.72
N ILE B 119 3.54 8.20 15.66
CA ILE B 119 3.31 7.74 14.28
C ILE B 119 4.79 7.51 13.86
N LYS B 120 5.16 6.23 13.79
CA LYS B 120 6.53 5.86 13.59
C LYS B 120 6.87 5.23 12.27
N PHE B 121 8.02 5.60 11.72
CA PHE B 121 8.46 5.05 10.45
C PHE B 121 8.62 3.52 10.55
N VAL B 122 8.13 2.82 9.53
CA VAL B 122 8.24 1.36 9.47
C VAL B 122 9.18 0.89 8.35
N GLU B 123 8.89 1.25 7.10
CA GLU B 123 9.72 0.80 5.98
C GLU B 123 9.47 1.65 4.74
N VAL B 124 10.50 1.78 3.91
CA VAL B 124 10.34 2.52 2.66
C VAL B 124 10.54 1.51 1.54
N GLY B 125 9.71 1.62 0.49
CA GLY B 125 9.87 0.79 -0.69
C GLY B 125 10.76 1.58 -1.65
N GLY B 126 10.14 2.21 -2.65
CA GLY B 126 10.91 3.03 -3.60
C GLY B 126 10.78 4.51 -3.27
N PHE B 127 11.70 5.32 -3.79
CA PHE B 127 11.69 6.77 -3.58
C PHE B 127 12.62 7.23 -4.71
N ALA B 128 12.05 7.31 -5.90
CA ALA B 128 12.83 7.58 -7.09
C ALA B 128 12.62 8.89 -7.81
N ASN B 129 13.69 9.40 -8.41
CA ASN B 129 13.57 10.64 -9.16
C ASN B 129 12.98 10.37 -10.54
N ASN B 130 12.87 11.41 -11.36
CA ASN B 130 12.30 11.24 -12.69
C ASN B 130 13.09 10.39 -13.67
N ASP B 131 14.37 10.16 -13.37
CA ASP B 131 15.18 9.30 -14.23
C ASP B 131 15.17 7.89 -13.64
N LEU B 132 14.27 7.66 -12.68
CA LEU B 132 14.10 6.35 -11.98
C LEU B 132 15.26 5.90 -11.07
N VAL B 133 16.06 6.87 -10.66
CA VAL B 133 17.19 6.60 -9.79
C VAL B 133 16.73 6.74 -8.32
N GLU B 134 16.97 5.71 -7.52
CA GLU B 134 16.60 5.73 -6.12
C GLU B 134 17.32 6.84 -5.36
N GLN B 135 16.57 7.64 -4.61
CA GLN B 135 17.11 8.75 -3.83
C GLN B 135 17.36 8.35 -2.36
N LYS B 136 18.38 8.94 -1.73
CA LYS B 136 18.69 8.67 -0.33
C LYS B 136 17.57 9.31 0.48
N THR B 137 17.08 8.60 1.48
CA THR B 137 15.99 9.13 2.29
C THR B 137 16.33 9.04 3.76
N GLN B 138 15.65 9.85 4.56
CA GLN B 138 15.73 9.86 5.99
C GLN B 138 14.29 10.10 6.46
N PHE B 139 13.72 9.12 7.17
CA PHE B 139 12.36 9.20 7.70
C PHE B 139 12.35 9.48 9.21
N PHE B 140 11.46 10.39 9.63
CA PHE B 140 11.34 10.82 11.02
C PHE B 140 9.92 10.63 11.50
N ASP B 141 9.77 10.35 12.79
CA ASP B 141 8.47 10.08 13.36
C ASP B 141 7.79 11.37 13.82
N GLY B 142 6.52 11.25 14.14
CA GLY B 142 5.75 12.38 14.62
C GLY B 142 4.70 11.76 15.49
N GLY B 143 3.50 12.33 15.49
CA GLY B 143 2.41 11.80 16.30
C GLY B 143 1.56 12.90 16.94
N VAL B 144 0.74 12.54 17.89
CA VAL B 144 -0.12 13.50 18.56
C VAL B 144 0.21 13.57 20.04
N ASN B 145 0.64 14.73 20.51
CA ASN B 145 0.93 14.87 21.93
C ASN B 145 -0.43 15.10 22.58
N VAL B 146 -1.00 14.04 23.13
CA VAL B 146 -2.33 14.14 23.75
C VAL B 146 -2.19 14.83 25.10
N GLY B 147 -3.10 15.76 25.37
CA GLY B 147 -3.06 16.50 26.61
C GLY B 147 -4.48 16.88 26.99
#